data_9BXN
#
_entry.id   9BXN
#
_cell.length_a   69.800
_cell.length_b   92.010
_cell.length_c   96.200
_cell.angle_alpha   90.000
_cell.angle_beta   90.000
_cell.angle_gamma   90.000
#
_symmetry.space_group_name_H-M   'P 21 21 21'
#
loop_
_entity.id
_entity.type
_entity.pdbx_description
1 polymer '5-thiohistidine N-methyltransferase OvoM'
2 non-polymer S-ADENOSYL-L-HOMOCYSTEINE
3 non-polymer 5-sulfanyl-L-histidine
4 non-polymer 1,2-ETHANEDIOL
5 water water
#
_entity_poly.entity_id   1
_entity_poly.type   'polypeptide(L)'
_entity_poly.pdbx_seq_one_letter_code
;MGSSHHHHHHSSGLVPRGSHMIFKEKNIYETDESVSQYCDFQYGEDCFGVLNFALACATKAIGYTKETPKNRALDLGCAT
GRASFELARSYKHVDGVDYSQAFVDAATELQKNGCIGYSQNGEGELKNYKVIDREGYAFRDSFTKVEFFQGDACNLTPQF
KEYDLIMATNLIDRLYEPRLFLENIHKRINEKGYLILTSPYTWREEYTAKKFWIGGYVDENGKEVSTLEGLKEILEIHFE
LVATEDIPFVIRETSRKFQHTISQMSVWKVIST
;
_entity_poly.pdbx_strand_id   A,B
#
# COMPACT_ATOMS: atom_id res chain seq x y z
N GLU A 25 17.44 4.85 -1.45
CA GLU A 25 17.34 6.31 -1.30
C GLU A 25 16.80 6.65 0.07
N LYS A 26 15.48 6.75 0.19
CA LYS A 26 14.87 6.90 1.51
C LYS A 26 14.71 5.55 2.21
N ASN A 27 14.30 4.51 1.47
CA ASN A 27 14.07 3.20 2.07
C ASN A 27 15.38 2.45 2.20
N ILE A 28 15.78 2.19 3.45
CA ILE A 28 17.03 1.47 3.68
C ILE A 28 17.00 0.11 2.98
N TYR A 29 15.84 -0.51 2.87
CA TYR A 29 15.77 -1.84 2.28
C TYR A 29 15.92 -1.83 0.76
N GLU A 30 16.00 -0.64 0.15
CA GLU A 30 16.27 -0.53 -1.28
C GLU A 30 17.76 -0.38 -1.59
N THR A 31 18.61 -0.24 -0.57
CA THR A 31 20.03 0.03 -0.82
C THR A 31 20.78 -1.27 -1.14
N ASP A 32 21.83 -1.12 -1.95
CA ASP A 32 22.67 -2.27 -2.28
C ASP A 32 23.25 -2.91 -1.04
N GLU A 33 23.59 -2.09 -0.02
CA GLU A 33 24.15 -2.64 1.22
C GLU A 33 23.14 -3.54 1.94
N SER A 34 21.86 -3.16 1.96
CA SER A 34 20.85 -4.02 2.58
CA SER A 34 20.85 -4.02 2.59
C SER A 34 20.62 -5.28 1.76
N VAL A 35 20.65 -5.16 0.43
CA VAL A 35 20.54 -6.36 -0.40
C VAL A 35 21.68 -7.33 -0.08
N SER A 36 22.91 -6.82 -0.01
CA SER A 36 24.01 -7.73 0.31
C SER A 36 23.87 -8.28 1.71
N GLN A 37 23.42 -7.46 2.67
CA GLN A 37 23.25 -7.96 4.02
C GLN A 37 22.23 -9.10 4.06
N TYR A 38 21.10 -8.96 3.36
CA TYR A 38 20.09 -10.01 3.42
C TYR A 38 20.46 -11.24 2.57
N CYS A 39 21.19 -11.04 1.47
CA CYS A 39 21.75 -12.20 0.74
C CYS A 39 22.59 -13.07 1.68
N ASP A 40 23.48 -12.44 2.45
CA ASP A 40 24.37 -13.19 3.34
C ASP A 40 23.58 -13.85 4.45
N PHE A 41 22.65 -13.11 5.05
CA PHE A 41 21.80 -13.64 6.11
C PHE A 41 20.99 -14.84 5.63
N GLN A 42 20.39 -14.74 4.45
CA GLN A 42 19.44 -15.75 4.03
C GLN A 42 20.08 -16.92 3.32
N TYR A 43 21.27 -16.73 2.76
CA TYR A 43 21.87 -17.78 1.94
C TYR A 43 23.30 -18.14 2.34
N GLY A 44 23.87 -17.40 3.28
CA GLY A 44 25.28 -17.62 3.63
C GLY A 44 25.52 -18.60 4.76
N GLU A 45 26.69 -18.49 5.39
CA GLU A 45 27.10 -19.46 6.43
C GLU A 45 26.53 -19.12 7.81
N ASP A 46 26.25 -20.14 8.61
CA ASP A 46 25.74 -19.96 9.99
C ASP A 46 26.80 -19.34 10.91
N CYS A 47 26.35 -18.70 11.99
CA CYS A 47 27.27 -18.00 12.91
C CYS A 47 26.91 -18.32 14.37
N PHE A 48 27.93 -18.44 15.22
CA PHE A 48 27.72 -18.68 16.67
C PHE A 48 26.81 -19.90 16.92
N GLY A 49 26.87 -20.88 16.02
CA GLY A 49 26.05 -22.06 16.18
C GLY A 49 24.57 -21.84 15.94
N VAL A 50 24.19 -20.70 15.40
CA VAL A 50 22.79 -20.39 15.14
C VAL A 50 22.48 -20.81 13.71
N LEU A 51 21.43 -21.62 13.54
CA LEU A 51 21.07 -22.15 12.23
C LEU A 51 20.38 -21.07 11.38
N ASN A 52 20.41 -21.28 10.06
CA ASN A 52 19.77 -20.37 9.12
C ASN A 52 18.32 -20.09 9.51
N PHE A 53 17.99 -18.80 9.62
CA PHE A 53 16.72 -18.38 10.19
C PHE A 53 15.56 -18.59 9.23
N ALA A 54 15.74 -18.26 7.95
CA ALA A 54 14.67 -18.50 6.98
C ALA A 54 14.28 -19.96 6.94
N LEU A 55 15.27 -20.86 6.93
CA LEU A 55 14.97 -22.30 6.92
C LEU A 55 14.33 -22.74 8.22
N ALA A 56 14.82 -22.25 9.37
CA ALA A 56 14.21 -22.61 10.65
C ALA A 56 12.74 -22.21 10.69
N CYS A 57 12.43 -20.98 10.28
CA CYS A 57 11.05 -20.51 10.30
C CYS A 57 10.17 -21.31 9.34
N ALA A 58 10.64 -21.48 8.10
CA ALA A 58 9.87 -22.25 7.12
C ALA A 58 9.64 -23.67 7.61
N THR A 59 10.68 -24.30 8.16
CA THR A 59 10.52 -25.67 8.67
C THR A 59 9.51 -25.73 9.80
N LYS A 60 9.57 -24.79 10.74
CA LYS A 60 8.59 -24.77 11.82
C LYS A 60 7.19 -24.51 11.27
N ALA A 61 7.08 -23.59 10.30
CA ALA A 61 5.76 -23.29 9.74
C ALA A 61 5.14 -24.52 9.09
N ILE A 62 5.95 -25.28 8.36
CA ILE A 62 5.43 -26.49 7.71
C ILE A 62 4.96 -27.48 8.77
N GLY A 63 5.71 -27.57 9.88
CA GLY A 63 5.27 -28.42 10.98
C GLY A 63 3.93 -27.99 11.56
N TYR A 64 3.78 -26.70 11.86
CA TYR A 64 2.52 -26.21 12.42
C TYR A 64 1.34 -26.42 11.48
N THR A 65 1.57 -26.40 10.16
CA THR A 65 0.49 -26.48 9.19
C THR A 65 0.37 -27.88 8.59
N LYS A 66 0.78 -28.90 9.34
CA LYS A 66 0.87 -30.26 8.80
C LYS A 66 -0.50 -30.81 8.42
N GLU A 67 -1.55 -30.41 9.10
CA GLU A 67 -2.88 -30.92 8.81
C GLU A 67 -3.63 -30.12 7.74
N THR A 68 -3.08 -29.02 7.24
CA THR A 68 -3.75 -28.24 6.22
C THR A 68 -3.39 -28.75 4.84
N PRO A 69 -4.17 -28.38 3.81
CA PRO A 69 -3.92 -28.91 2.46
C PRO A 69 -2.59 -28.50 1.81
N LYS A 70 -1.96 -27.41 2.24
CA LYS A 70 -0.66 -26.99 1.68
C LYS A 70 -0.76 -26.68 0.18
N ASN A 71 -1.80 -25.96 -0.22
CA ASN A 71 -1.97 -25.54 -1.61
C ASN A 71 -1.32 -24.19 -1.89
N ARG A 72 -1.53 -23.20 -1.00
CA ARG A 72 -1.07 -21.84 -1.28
C ARG A 72 -0.49 -21.26 0.00
N ALA A 73 0.67 -20.63 -0.11
CA ALA A 73 1.25 -19.92 1.02
C ALA A 73 1.78 -18.58 0.55
N LEU A 74 1.79 -17.62 1.47
CA LEU A 74 2.31 -16.28 1.21
C LEU A 74 3.45 -16.01 2.18
N ASP A 75 4.61 -15.59 1.64
CA ASP A 75 5.76 -15.18 2.46
C ASP A 75 5.81 -13.65 2.36
N LEU A 76 5.31 -12.98 3.41
CA LEU A 76 5.11 -11.53 3.41
C LEU A 76 6.28 -10.82 4.06
N GLY A 77 6.90 -9.88 3.32
CA GLY A 77 8.17 -9.35 3.74
C GLY A 77 9.32 -10.29 3.41
N CYS A 78 9.28 -10.90 2.24
CA CYS A 78 10.15 -12.05 1.92
C CYS A 78 11.63 -11.68 1.74
N ALA A 79 11.96 -10.39 1.68
CA ALA A 79 13.34 -9.92 1.45
C ALA A 79 13.90 -10.68 0.25
N THR A 80 15.08 -11.30 0.35
CA THR A 80 15.71 -11.91 -0.82
C THR A 80 15.20 -13.32 -1.09
N GLY A 81 14.09 -13.70 -0.47
CA GLY A 81 13.27 -14.81 -0.95
C GLY A 81 13.51 -16.20 -0.36
N ARG A 82 14.48 -16.37 0.54
CA ARG A 82 14.83 -17.75 1.00
C ARG A 82 13.64 -18.51 1.58
N ALA A 83 12.86 -17.86 2.45
CA ALA A 83 11.78 -18.61 3.07
C ALA A 83 10.71 -18.99 2.04
N SER A 84 10.58 -18.20 0.97
CA SER A 84 9.62 -18.55 -0.08
C SER A 84 10.05 -19.82 -0.79
N PHE A 85 11.32 -19.89 -1.16
CA PHE A 85 11.85 -21.11 -1.78
C PHE A 85 11.68 -22.32 -0.88
N GLU A 86 11.89 -22.14 0.43
CA GLU A 86 11.80 -23.27 1.35
C GLU A 86 10.36 -23.70 1.56
N LEU A 87 9.42 -22.74 1.69
CA LEU A 87 8.00 -23.12 1.79
C LEU A 87 7.55 -23.90 0.56
N ALA A 88 8.09 -23.54 -0.61
CA ALA A 88 7.69 -24.15 -1.86
C ALA A 88 8.07 -25.62 -1.96
N ARG A 89 8.98 -26.09 -1.09
CA ARG A 89 9.26 -27.53 -1.04
C ARG A 89 8.06 -28.32 -0.52
N SER A 90 7.16 -27.67 0.23
CA SER A 90 5.99 -28.35 0.74
C SER A 90 4.67 -27.82 0.22
N TYR A 91 4.62 -26.58 -0.27
CA TYR A 91 3.39 -26.00 -0.78
C TYR A 91 3.35 -26.06 -2.30
N LYS A 92 2.13 -26.19 -2.86
CA LYS A 92 1.99 -26.25 -4.31
C LYS A 92 2.28 -24.92 -4.97
N HIS A 93 1.98 -23.81 -4.30
CA HIS A 93 2.28 -22.50 -4.83
C HIS A 93 2.67 -21.60 -3.67
N VAL A 94 3.70 -20.78 -3.87
CA VAL A 94 4.10 -19.79 -2.87
C VAL A 94 4.26 -18.44 -3.55
N ASP A 95 3.69 -17.40 -2.95
CA ASP A 95 3.90 -16.02 -3.36
C ASP A 95 4.85 -15.37 -2.36
N GLY A 96 5.91 -14.72 -2.84
CA GLY A 96 6.79 -13.95 -1.99
C GLY A 96 6.57 -12.47 -2.33
N VAL A 97 6.24 -11.68 -1.31
CA VAL A 97 5.91 -10.27 -1.53
C VAL A 97 6.82 -9.43 -0.64
N ASP A 98 7.40 -8.38 -1.19
CA ASP A 98 8.18 -7.43 -0.40
C ASP A 98 7.96 -6.02 -0.91
N TYR A 99 8.06 -5.06 0.00
CA TYR A 99 7.92 -3.66 -0.37
C TYR A 99 9.15 -3.14 -1.11
N SER A 100 10.32 -3.75 -0.90
CA SER A 100 11.55 -3.33 -1.55
C SER A 100 11.68 -3.97 -2.94
N GLN A 101 11.72 -3.11 -3.98
CA GLN A 101 11.93 -3.61 -5.33
C GLN A 101 13.30 -4.27 -5.45
N ALA A 102 14.31 -3.73 -4.75
CA ALA A 102 15.64 -4.30 -4.83
C ALA A 102 15.68 -5.72 -4.30
N PHE A 103 14.95 -6.00 -3.21
CA PHE A 103 14.87 -7.36 -2.68
C PHE A 103 14.16 -8.28 -3.66
N VAL A 104 13.05 -7.81 -4.23
CA VAL A 104 12.28 -8.61 -5.19
C VAL A 104 13.13 -8.92 -6.41
N ASP A 105 13.88 -7.92 -6.89
CA ASP A 105 14.76 -8.14 -8.04
C ASP A 105 15.81 -9.21 -7.73
N ALA A 106 16.40 -9.15 -6.54
CA ALA A 106 17.44 -10.13 -6.16
C ALA A 106 16.87 -11.54 -6.11
N ALA A 107 15.71 -11.71 -5.47
CA ALA A 107 15.09 -13.03 -5.40
C ALA A 107 14.76 -13.55 -6.79
N THR A 108 14.21 -12.67 -7.65
CA THR A 108 13.82 -13.07 -9.00
C THR A 108 15.05 -13.45 -9.83
N GLU A 109 16.14 -12.72 -9.62
CA GLU A 109 17.39 -12.99 -10.35
C GLU A 109 17.94 -14.35 -9.96
N LEU A 110 17.97 -14.65 -8.66
CA LEU A 110 18.41 -15.97 -8.24
C LEU A 110 17.51 -17.05 -8.83
N GLN A 111 16.20 -16.83 -8.76
CA GLN A 111 15.24 -17.81 -9.26
C GLN A 111 15.41 -18.05 -10.76
N LYS A 112 15.53 -17.00 -11.54
CA LYS A 112 15.52 -17.10 -13.00
C LYS A 112 16.90 -17.28 -13.60
N ASN A 113 17.93 -16.61 -13.06
CA ASN A 113 19.28 -16.80 -13.60
C ASN A 113 20.03 -17.93 -12.93
N GLY A 114 19.62 -18.37 -11.74
CA GLY A 114 20.28 -19.44 -11.03
C GLY A 114 21.45 -19.03 -10.18
N CYS A 115 21.81 -17.76 -10.16
CA CYS A 115 22.88 -17.29 -9.29
C CYS A 115 22.74 -15.79 -9.12
N ILE A 116 23.29 -15.30 -8.00
CA ILE A 116 23.46 -13.87 -7.77
C ILE A 116 24.72 -13.71 -6.97
N GLY A 117 25.37 -12.56 -7.14
CA GLY A 117 26.53 -12.24 -6.34
C GLY A 117 26.21 -11.20 -5.28
N TYR A 118 27.05 -11.11 -4.25
CA TYR A 118 26.88 -10.10 -3.22
C TYR A 118 28.22 -9.82 -2.54
N SER A 119 28.26 -8.77 -1.71
CA SER A 119 29.50 -8.38 -1.02
C SER A 119 29.36 -8.60 0.48
N GLN A 120 30.35 -9.27 1.06
CA GLN A 120 30.51 -9.31 2.51
C GLN A 120 31.41 -8.16 2.94
N ASN A 121 31.15 -7.62 4.12
CA ASN A 121 31.95 -6.53 4.65
C ASN A 121 33.01 -7.05 5.60
N GLY A 122 34.24 -6.53 5.45
CA GLY A 122 35.31 -6.76 6.40
C GLY A 122 35.58 -5.54 7.27
N GLU A 123 36.85 -5.25 7.55
CA GLU A 123 37.19 -4.07 8.32
C GLU A 123 36.88 -2.84 7.50
N GLY A 124 36.33 -1.83 8.17
CA GLY A 124 36.17 -0.55 7.50
C GLY A 124 35.35 -0.71 6.24
N GLU A 125 35.89 -0.26 5.13
CA GLU A 125 35.19 -0.28 3.87
C GLU A 125 35.50 -1.53 3.04
N LEU A 126 36.24 -2.49 3.57
CA LEU A 126 36.70 -3.63 2.77
C LEU A 126 35.56 -4.61 2.52
N LYS A 127 35.57 -5.22 1.33
CA LYS A 127 34.46 -6.10 0.94
C LYS A 127 35.03 -7.35 0.28
N ASN A 128 34.27 -8.44 0.37
CA ASN A 128 34.62 -9.70 -0.29
C ASN A 128 33.46 -10.16 -1.16
N TYR A 129 33.75 -10.56 -2.39
CA TYR A 129 32.69 -10.99 -3.30
C TYR A 129 32.33 -12.45 -3.06
N LYS A 130 31.03 -12.74 -2.99
CA LYS A 130 30.52 -14.10 -2.79
C LYS A 130 29.42 -14.39 -3.82
N VAL A 131 29.21 -15.67 -4.14
CA VAL A 131 28.18 -16.05 -5.10
C VAL A 131 27.20 -16.99 -4.44
N ILE A 132 25.92 -16.76 -4.70
CA ILE A 132 24.88 -17.69 -4.30
C ILE A 132 24.47 -18.48 -5.53
N ASP A 133 24.66 -19.81 -5.51
CA ASP A 133 24.28 -20.69 -6.61
C ASP A 133 22.99 -21.44 -6.25
N ARG A 134 21.91 -21.15 -6.97
CA ARG A 134 20.61 -21.81 -6.72
C ARG A 134 20.76 -23.33 -6.62
N GLU A 135 21.58 -23.92 -7.48
CA GLU A 135 21.74 -25.37 -7.54
C GLU A 135 22.53 -25.94 -6.38
N GLY A 136 23.02 -25.10 -5.45
CA GLY A 136 23.68 -25.59 -4.27
C GLY A 136 22.77 -25.82 -3.07
N TYR A 137 21.46 -25.59 -3.20
CA TYR A 137 20.53 -25.72 -2.09
C TYR A 137 19.47 -26.76 -2.41
N ALA A 138 18.97 -27.43 -1.37
CA ALA A 138 17.91 -28.41 -1.55
C ALA A 138 16.65 -27.78 -2.17
N PHE A 139 16.38 -26.49 -1.88
CA PHE A 139 15.17 -25.89 -2.46
C PHE A 139 15.22 -25.83 -3.98
N ARG A 140 16.35 -26.18 -4.61
CA ARG A 140 16.41 -26.17 -6.07
C ARG A 140 15.38 -27.11 -6.68
N ASP A 141 14.79 -28.02 -5.91
CA ASP A 141 13.80 -28.90 -6.51
C ASP A 141 12.44 -28.25 -6.63
N SER A 142 12.27 -27.00 -6.17
CA SER A 142 10.91 -26.45 -6.08
C SER A 142 10.79 -25.00 -6.52
N PHE A 143 11.84 -24.39 -7.07
CA PHE A 143 11.85 -22.94 -7.22
C PHE A 143 10.89 -22.43 -8.30
N THR A 144 10.38 -23.27 -9.20
CA THR A 144 9.42 -22.74 -10.16
C THR A 144 8.02 -22.59 -9.56
N LYS A 145 7.81 -23.06 -8.31
CA LYS A 145 6.52 -22.94 -7.63
C LYS A 145 6.40 -21.62 -6.87
N VAL A 146 7.37 -20.71 -7.02
CA VAL A 146 7.39 -19.41 -6.35
C VAL A 146 7.15 -18.30 -7.36
N GLU A 147 6.38 -17.29 -6.96
CA GLU A 147 6.31 -16.05 -7.71
C GLU A 147 6.62 -14.91 -6.75
N PHE A 148 7.50 -14.00 -7.17
CA PHE A 148 7.92 -12.87 -6.34
C PHE A 148 7.28 -11.59 -6.86
N PHE A 149 6.78 -10.75 -5.95
CA PHE A 149 6.09 -9.50 -6.30
C PHE A 149 6.51 -8.39 -5.37
N GLN A 150 6.62 -7.18 -5.90
CA GLN A 150 6.69 -6.01 -5.02
C GLN A 150 5.27 -5.70 -4.54
N GLY A 151 5.12 -5.39 -3.25
CA GLY A 151 3.80 -5.13 -2.70
C GLY A 151 3.88 -4.64 -1.27
N ASP A 152 2.75 -4.14 -0.77
CA ASP A 152 2.64 -3.52 0.55
C ASP A 152 1.78 -4.39 1.45
N ALA A 153 2.39 -4.97 2.48
CA ALA A 153 1.68 -5.82 3.44
C ALA A 153 0.52 -5.06 4.10
N CYS A 154 0.63 -3.75 4.22
CA CYS A 154 -0.42 -2.96 4.85
C CYS A 154 -1.56 -2.65 3.90
N ASN A 155 -1.42 -3.01 2.62
CA ASN A 155 -2.46 -2.76 1.61
C ASN A 155 -2.24 -3.66 0.39
N LEU A 156 -2.41 -4.97 0.58
CA LEU A 156 -2.17 -5.94 -0.48
C LEU A 156 -3.27 -5.85 -1.53
N THR A 157 -2.90 -6.05 -2.80
CA THR A 157 -3.92 -6.09 -3.85
C THR A 157 -4.80 -7.33 -3.66
N PRO A 158 -6.00 -7.32 -4.25
CA PRO A 158 -7.00 -8.37 -3.93
C PRO A 158 -6.61 -9.78 -4.34
N GLN A 159 -5.73 -9.94 -5.33
CA GLN A 159 -5.42 -11.27 -5.84
C GLN A 159 -4.64 -12.12 -4.84
N PHE A 160 -4.07 -11.49 -3.80
CA PHE A 160 -3.32 -12.22 -2.79
C PHE A 160 -4.28 -12.69 -1.71
N LYS A 161 -4.92 -13.84 -1.98
CA LYS A 161 -5.95 -14.34 -1.10
C LYS A 161 -5.96 -15.86 -1.15
N GLU A 162 -6.83 -16.47 -0.36
CA GLU A 162 -7.03 -17.92 -0.37
C GLU A 162 -5.74 -18.67 -0.05
N TYR A 163 -5.07 -18.23 1.01
CA TYR A 163 -3.86 -18.88 1.48
C TYR A 163 -4.16 -19.86 2.61
N ASP A 164 -3.51 -21.02 2.55
CA ASP A 164 -3.52 -21.94 3.68
C ASP A 164 -2.56 -21.47 4.77
N LEU A 165 -1.51 -20.75 4.37
CA LEU A 165 -0.53 -20.24 5.31
C LEU A 165 -0.09 -18.84 4.88
N ILE A 166 -0.08 -17.90 5.80
CA ILE A 166 0.57 -16.63 5.58
C ILE A 166 1.65 -16.51 6.64
N MET A 167 2.90 -16.33 6.20
CA MET A 167 4.00 -16.28 7.13
C MET A 167 4.67 -14.92 6.97
N ALA A 168 4.81 -14.18 8.06
CA ALA A 168 5.34 -12.82 7.99
C ALA A 168 6.43 -12.77 9.06
N THR A 169 7.68 -13.02 8.65
CA THR A 169 8.76 -13.13 9.63
C THR A 169 9.50 -11.81 9.74
N ASN A 170 9.63 -11.32 10.98
CA ASN A 170 10.35 -10.08 11.29
C ASN A 170 9.81 -8.91 10.49
N LEU A 171 8.48 -8.90 10.29
CA LEU A 171 7.85 -7.88 9.48
C LEU A 171 7.18 -6.78 10.28
N ILE A 172 6.42 -7.15 11.33
CA ILE A 172 5.51 -6.18 11.93
C ILE A 172 6.25 -4.97 12.50
N ASP A 173 7.50 -5.14 13.01
CA ASP A 173 8.23 -4.01 13.56
C ASP A 173 8.95 -3.18 12.48
N ARG A 174 8.61 -3.42 11.23
CA ARG A 174 9.08 -2.58 10.14
C ARG A 174 7.93 -2.00 9.30
N LEU A 175 6.68 -2.16 9.74
CA LEU A 175 5.52 -1.65 9.01
C LEU A 175 5.19 -0.22 9.45
N TYR A 176 4.79 0.62 8.50
CA TYR A 176 4.41 2.02 8.83
C TYR A 176 3.16 2.06 9.73
N GLU A 177 2.25 1.12 9.54
CA GLU A 177 1.04 1.04 10.37
C GLU A 177 0.62 -0.43 10.47
N PRO A 178 1.15 -1.16 11.47
CA PRO A 178 0.90 -2.60 11.58
C PRO A 178 -0.56 -3.05 11.60
N ARG A 179 -1.45 -2.20 12.10
CA ARG A 179 -2.88 -2.60 12.22
C ARG A 179 -3.52 -2.77 10.84
N LEU A 180 -3.10 -1.97 9.86
CA LEU A 180 -3.64 -2.14 8.48
C LEU A 180 -3.43 -3.59 8.05
N PHE A 181 -2.26 -4.14 8.36
CA PHE A 181 -1.98 -5.56 8.04
C PHE A 181 -2.73 -6.49 9.00
N LEU A 182 -2.53 -6.32 10.31
CA LEU A 182 -3.07 -7.29 11.29
C LEU A 182 -4.60 -7.34 11.31
N GLU A 183 -5.26 -6.20 11.22
CA GLU A 183 -6.72 -6.22 11.34
C GLU A 183 -7.40 -6.83 10.13
N ASN A 184 -6.71 -6.89 9.00
CA ASN A 184 -7.32 -7.34 7.75
C ASN A 184 -6.81 -8.67 7.23
N ILE A 185 -5.67 -9.17 7.72
CA ILE A 185 -5.06 -10.33 7.07
C ILE A 185 -5.93 -11.59 7.12
N HIS A 186 -6.86 -11.71 8.08
CA HIS A 186 -7.68 -12.92 8.14
C HIS A 186 -8.52 -13.08 6.88
N LYS A 187 -8.81 -11.97 6.19
CA LYS A 187 -9.58 -12.06 4.95
C LYS A 187 -8.84 -12.76 3.84
N ARG A 188 -7.52 -12.92 3.96
CA ARG A 188 -6.73 -13.56 2.90
C ARG A 188 -6.40 -15.01 3.20
N ILE A 189 -6.91 -15.57 4.28
CA ILE A 189 -6.59 -16.93 4.74
C ILE A 189 -7.82 -17.81 4.68
N ASN A 190 -7.62 -19.03 4.18
CA ASN A 190 -8.69 -20.03 4.14
C ASN A 190 -9.11 -20.42 5.55
N GLU A 191 -10.34 -20.93 5.66
CA GLU A 191 -10.83 -21.40 6.95
C GLU A 191 -9.91 -22.52 7.44
N LYS A 192 -9.60 -22.50 8.74
CA LYS A 192 -8.66 -23.42 9.38
C LYS A 192 -7.21 -23.22 8.92
N GLY A 193 -6.92 -22.17 8.15
CA GLY A 193 -5.56 -21.84 7.79
C GLY A 193 -4.85 -21.12 8.91
N TYR A 194 -3.59 -20.75 8.65
CA TYR A 194 -2.69 -20.24 9.68
C TYR A 194 -2.04 -18.92 9.28
N LEU A 195 -1.88 -18.04 10.26
CA LEU A 195 -0.99 -16.89 10.16
C LEU A 195 0.15 -17.15 11.13
N ILE A 196 1.39 -17.07 10.65
CA ILE A 196 2.54 -17.28 11.53
C ILE A 196 3.41 -16.04 11.47
N LEU A 197 3.53 -15.36 12.62
CA LEU A 197 4.32 -14.15 12.73
C LEU A 197 5.62 -14.48 13.47
N THR A 198 6.70 -13.80 13.11
CA THR A 198 7.84 -13.71 14.03
C THR A 198 8.26 -12.26 14.14
N SER A 199 8.77 -11.90 15.30
CA SER A 199 9.30 -10.54 15.42
C SER A 199 10.12 -10.47 16.70
N PRO A 200 11.20 -9.71 16.69
CA PRO A 200 11.89 -9.35 17.93
C PRO A 200 11.34 -8.08 18.57
N TYR A 201 10.35 -7.45 17.93
CA TYR A 201 9.67 -6.29 18.50
C TYR A 201 10.60 -5.09 18.63
N THR A 202 11.44 -4.89 17.60
CA THR A 202 12.38 -3.77 17.55
C THR A 202 11.69 -2.51 17.00
N TRP A 203 10.74 -2.00 17.78
CA TRP A 203 9.99 -0.81 17.38
C TRP A 203 10.91 0.40 17.35
N ARG A 204 10.86 1.15 16.27
CA ARG A 204 11.70 2.33 16.12
C ARG A 204 10.90 3.37 15.33
N GLU A 205 11.02 4.63 15.75
CA GLU A 205 10.29 5.70 15.08
C GLU A 205 10.70 5.86 13.62
N GLU A 206 11.90 5.41 13.24
CA GLU A 206 12.30 5.50 11.83
C GLU A 206 11.43 4.61 10.96
N TYR A 207 10.84 3.54 11.51
CA TYR A 207 9.95 2.68 10.74
C TYR A 207 8.47 2.90 11.05
N THR A 208 8.15 3.23 12.29
CA THR A 208 6.76 3.20 12.76
C THR A 208 6.60 4.33 13.75
N ALA A 209 5.69 5.27 13.48
CA ALA A 209 5.37 6.28 14.50
C ALA A 209 4.98 5.60 15.80
N LYS A 210 5.38 6.20 16.92
CA LYS A 210 5.19 5.53 18.21
C LYS A 210 3.73 5.23 18.51
N LYS A 211 2.80 6.09 18.04
CA LYS A 211 1.38 5.85 18.27
C LYS A 211 0.89 4.57 17.61
N PHE A 212 1.66 3.98 16.68
CA PHE A 212 1.24 2.77 15.99
C PHE A 212 2.00 1.52 16.45
N TRP A 213 2.95 1.66 17.39
CA TRP A 213 3.61 0.45 17.92
C TRP A 213 2.56 -0.47 18.54
N ILE A 214 2.65 -1.77 18.23
CA ILE A 214 1.72 -2.73 18.81
C ILE A 214 2.03 -3.03 20.28
N GLY A 215 3.26 -2.81 20.71
CA GLY A 215 3.66 -3.00 22.08
C GLY A 215 4.95 -2.26 22.36
N GLY A 216 5.52 -2.49 23.55
CA GLY A 216 6.75 -1.81 23.88
C GLY A 216 6.57 -0.36 24.28
N TYR A 217 5.40 -0.08 24.84
CA TYR A 217 5.11 1.30 25.25
C TYR A 217 4.31 1.34 26.55
N VAL A 218 4.35 2.48 27.20
CA VAL A 218 3.51 2.70 28.41
C VAL A 218 2.25 3.42 27.93
N ASP A 219 1.08 2.88 28.23
CA ASP A 219 -0.18 3.48 27.71
C ASP A 219 -0.55 4.73 28.52
N GLU A 220 -1.64 5.38 28.12
CA GLU A 220 -2.04 6.66 28.76
C GLU A 220 -2.49 6.45 30.20
N ASN A 221 -2.79 5.21 30.58
CA ASN A 221 -3.13 4.89 31.96
C ASN A 221 -1.96 4.31 32.75
N GLY A 222 -0.74 4.40 32.22
CA GLY A 222 0.43 3.98 32.97
C GLY A 222 0.72 2.49 32.97
N LYS A 223 0.04 1.70 32.15
CA LYS A 223 0.30 0.26 32.09
C LYS A 223 1.29 -0.02 30.98
N GLU A 224 2.16 -1.01 31.20
CA GLU A 224 3.13 -1.41 30.20
C GLU A 224 2.45 -2.36 29.23
N VAL A 225 2.61 -2.12 27.93
CA VAL A 225 1.95 -2.94 26.90
C VAL A 225 3.04 -3.75 26.21
N SER A 226 2.93 -5.06 26.31
CA SER A 226 3.85 -5.93 25.59
C SER A 226 3.30 -6.19 24.20
N THR A 227 4.21 -6.37 23.23
CA THR A 227 3.73 -6.56 21.86
C THR A 227 2.89 -7.83 21.72
N LEU A 228 3.29 -8.92 22.36
CA LEU A 228 2.47 -10.13 22.25
C LEU A 228 1.07 -9.91 22.79
N GLU A 229 0.95 -9.13 23.87
CA GLU A 229 -0.39 -8.81 24.36
C GLU A 229 -1.17 -7.96 23.35
N GLY A 230 -0.50 -6.97 22.73
CA GLY A 230 -1.16 -6.19 21.70
C GLY A 230 -1.59 -7.04 20.51
N LEU A 231 -0.75 -8.01 20.16
CA LEU A 231 -1.10 -8.94 19.08
C LEU A 231 -2.34 -9.75 19.46
N LYS A 232 -2.38 -10.28 20.68
CA LYS A 232 -3.56 -11.03 21.12
C LYS A 232 -4.83 -10.17 21.03
N GLU A 233 -4.76 -8.92 21.49
CA GLU A 233 -5.94 -8.06 21.46
C GLU A 233 -6.46 -7.88 20.04
N ILE A 234 -5.56 -7.74 19.06
CA ILE A 234 -6.00 -7.56 17.68
C ILE A 234 -6.43 -8.88 17.07
N LEU A 235 -5.62 -9.92 17.24
CA LEU A 235 -5.80 -11.12 16.43
C LEU A 235 -6.81 -12.10 17.03
N GLU A 236 -7.10 -12.01 18.33
CA GLU A 236 -8.01 -13.00 18.89
C GLU A 236 -9.46 -12.77 18.47
N ILE A 237 -9.76 -11.67 17.76
CA ILE A 237 -11.06 -11.50 17.12
C ILE A 237 -11.32 -12.58 16.08
N HIS A 238 -10.30 -12.92 15.27
CA HIS A 238 -10.48 -13.88 14.18
C HIS A 238 -9.57 -15.09 14.24
N PHE A 239 -8.66 -15.17 15.23
CA PHE A 239 -7.68 -16.24 15.33
C PHE A 239 -7.66 -16.81 16.74
N GLU A 240 -7.18 -18.04 16.83
CA GLU A 240 -6.77 -18.63 18.10
C GLU A 240 -5.24 -18.71 18.13
N LEU A 241 -4.64 -18.26 19.22
CA LEU A 241 -3.20 -18.42 19.41
C LEU A 241 -2.91 -19.86 19.77
N VAL A 242 -2.10 -20.52 18.93
CA VAL A 242 -1.84 -21.95 19.04
C VAL A 242 -0.49 -22.22 19.72
N ALA A 243 0.50 -21.37 19.49
CA ALA A 243 1.82 -21.63 20.05
C ALA A 243 2.69 -20.38 19.94
N THR A 244 3.70 -20.30 20.81
CA THR A 244 4.79 -19.32 20.67
C THR A 244 6.11 -20.04 20.86
N GLU A 245 7.16 -19.55 20.21
CA GLU A 245 8.47 -20.03 20.57
C GLU A 245 9.50 -18.95 20.25
N ASP A 246 10.65 -19.04 20.92
CA ASP A 246 11.77 -18.13 20.69
C ASP A 246 12.71 -18.73 19.66
N ILE A 247 13.14 -17.92 18.68
CA ILE A 247 14.04 -18.35 17.61
C ILE A 247 15.19 -17.36 17.45
N PRO A 248 16.42 -17.74 17.76
CA PRO A 248 17.54 -16.84 17.57
C PRO A 248 17.90 -16.69 16.10
N PHE A 249 18.49 -15.53 15.77
CA PHE A 249 19.04 -15.33 14.44
C PHE A 249 20.23 -14.40 14.55
N VAL A 250 21.11 -14.50 13.56
CA VAL A 250 22.34 -13.72 13.55
C VAL A 250 22.47 -13.06 12.19
N ILE A 251 22.65 -11.75 12.17
CA ILE A 251 22.89 -10.99 10.95
C ILE A 251 24.31 -10.46 10.99
N ARG A 252 25.13 -10.89 10.02
CA ARG A 252 26.48 -10.36 9.93
C ARG A 252 26.43 -8.93 9.39
N GLU A 253 27.12 -8.00 10.08
CA GLU A 253 27.35 -6.66 9.58
C GLU A 253 28.75 -6.54 8.98
N THR A 254 29.79 -6.86 9.76
CA THR A 254 31.17 -7.01 9.31
C THR A 254 31.67 -8.39 9.73
N SER A 255 32.91 -8.74 9.32
CA SER A 255 33.43 -10.04 9.76
C SER A 255 33.60 -10.09 11.27
N ARG A 256 33.49 -8.95 11.95
CA ARG A 256 33.71 -8.94 13.43
C ARG A 256 32.46 -8.43 14.17
N LYS A 257 31.50 -7.88 13.45
CA LYS A 257 30.33 -7.26 14.13
C LYS A 257 29.03 -7.89 13.65
N PHE A 258 28.21 -8.30 14.60
CA PHE A 258 26.97 -8.99 14.24
C PHE A 258 25.75 -8.60 15.09
N GLN A 259 24.57 -8.68 14.49
CA GLN A 259 23.34 -8.62 15.29
C GLN A 259 23.03 -10.04 15.72
N HIS A 260 22.68 -10.21 16.99
CA HIS A 260 22.33 -11.52 17.54
C HIS A 260 21.05 -11.32 18.32
N THR A 261 19.94 -11.90 17.85
CA THR A 261 18.60 -11.46 18.27
C THR A 261 17.67 -12.65 18.44
N ILE A 262 16.77 -12.55 19.42
CA ILE A 262 15.82 -13.61 19.71
C ILE A 262 14.46 -13.17 19.23
N SER A 263 14.01 -13.76 18.12
CA SER A 263 12.70 -13.43 17.61
C SER A 263 11.65 -14.30 18.30
N GLN A 264 10.43 -13.77 18.46
CA GLN A 264 9.33 -14.57 18.99
C GLN A 264 8.40 -14.94 17.84
N MET A 265 8.26 -16.24 17.60
CA MET A 265 7.26 -16.77 16.69
C MET A 265 5.93 -16.93 17.42
N SER A 266 4.84 -16.48 16.77
CA SER A 266 3.50 -16.73 17.29
C SER A 266 2.66 -17.34 16.17
N VAL A 267 1.90 -18.38 16.51
CA VAL A 267 1.19 -19.18 15.53
C VAL A 267 -0.30 -18.99 15.77
N TRP A 268 -1.02 -18.58 14.73
CA TRP A 268 -2.41 -18.15 14.85
C TRP A 268 -3.26 -18.93 13.87
N LYS A 269 -4.30 -19.61 14.39
CA LYS A 269 -5.21 -20.41 13.56
C LYS A 269 -6.51 -19.65 13.37
N VAL A 270 -6.94 -19.47 12.11
CA VAL A 270 -8.14 -18.69 11.84
C VAL A 270 -9.35 -19.44 12.39
N ILE A 271 -10.26 -18.69 13.03
CA ILE A 271 -11.47 -19.27 13.58
C ILE A 271 -12.58 -19.18 12.55
N ASN B 27 -1.93 0.64 -33.09
CA ASN B 27 -2.38 -0.29 -32.04
C ASN B 27 -2.69 0.51 -30.76
N ILE B 28 -3.95 0.54 -30.35
CA ILE B 28 -4.35 1.37 -29.19
C ILE B 28 -4.27 0.54 -27.90
N TYR B 29 -3.75 1.13 -26.83
CA TYR B 29 -3.74 0.43 -25.52
C TYR B 29 -5.18 0.18 -25.08
N GLU B 30 -5.46 -1.04 -24.66
CA GLU B 30 -6.83 -1.40 -24.25
C GLU B 30 -6.87 -1.60 -22.74
N THR B 31 -7.82 -0.94 -22.08
CA THR B 31 -7.98 -1.04 -20.61
C THR B 31 -8.90 -2.22 -20.26
N ASP B 32 -8.81 -2.74 -19.03
CA ASP B 32 -9.71 -3.82 -18.54
C ASP B 32 -11.06 -3.24 -18.06
N GLU B 33 -11.90 -4.06 -17.41
CA GLU B 33 -13.27 -3.61 -17.01
C GLU B 33 -13.26 -2.61 -15.84
N SER B 34 -12.45 -2.85 -14.82
CA SER B 34 -12.36 -1.88 -13.71
C SER B 34 -11.82 -0.55 -14.22
N VAL B 35 -10.77 -0.59 -15.04
CA VAL B 35 -10.17 0.67 -15.56
C VAL B 35 -11.19 1.33 -16.50
N SER B 36 -11.90 0.51 -17.28
CA SER B 36 -12.88 1.06 -18.25
C SER B 36 -13.94 1.91 -17.54
N GLN B 37 -14.36 1.47 -16.35
CA GLN B 37 -15.41 2.23 -15.62
C GLN B 37 -14.91 3.64 -15.35
N TYR B 38 -13.66 3.77 -14.90
CA TYR B 38 -13.18 5.10 -14.58
C TYR B 38 -12.79 5.87 -15.81
N CYS B 39 -12.35 5.20 -16.87
CA CYS B 39 -12.18 5.87 -18.15
C CYS B 39 -13.49 6.49 -18.61
N ASP B 40 -14.57 5.70 -18.53
CA ASP B 40 -15.88 6.21 -18.95
C ASP B 40 -16.29 7.40 -18.10
N PHE B 41 -16.08 7.29 -16.79
CA PHE B 41 -16.50 8.33 -15.86
C PHE B 41 -15.74 9.63 -16.10
N GLN B 42 -14.45 9.51 -16.30
CA GLN B 42 -13.58 10.68 -16.39
C GLN B 42 -13.51 11.27 -17.78
N TYR B 43 -13.73 10.49 -18.83
CA TYR B 43 -13.51 10.98 -20.18
C TYR B 43 -14.73 10.89 -21.09
N GLY B 44 -15.81 10.23 -20.65
CA GLY B 44 -17.00 10.09 -21.46
C GLY B 44 -17.83 11.36 -21.51
N GLU B 45 -18.86 11.32 -22.34
CA GLU B 45 -19.79 12.43 -22.43
C GLU B 45 -20.63 12.57 -21.15
N ASP B 46 -20.98 13.81 -20.84
CA ASP B 46 -21.76 14.11 -19.63
C ASP B 46 -23.14 13.49 -19.69
N CYS B 47 -23.60 12.98 -18.56
CA CYS B 47 -24.91 12.34 -18.42
C CYS B 47 -25.86 13.21 -17.59
N PHE B 48 -27.15 13.20 -17.97
CA PHE B 48 -28.21 13.89 -17.23
C PHE B 48 -27.91 15.38 -17.05
N GLY B 49 -27.15 15.96 -17.97
CA GLY B 49 -26.83 17.37 -17.87
C GLY B 49 -25.84 17.73 -16.79
N VAL B 50 -25.15 16.74 -16.20
CA VAL B 50 -24.21 16.97 -15.11
C VAL B 50 -22.82 17.21 -15.68
N LEU B 51 -22.15 18.27 -15.20
CA LEU B 51 -20.79 18.56 -15.65
C LEU B 51 -19.82 17.44 -15.25
N ASN B 52 -18.88 17.14 -16.15
CA ASN B 52 -17.84 16.17 -15.83
C ASN B 52 -17.23 16.46 -14.46
N PHE B 53 -17.16 15.41 -13.62
CA PHE B 53 -16.79 15.61 -12.21
C PHE B 53 -15.35 16.08 -12.06
N ALA B 54 -14.41 15.43 -12.76
CA ALA B 54 -13.01 15.84 -12.62
C ALA B 54 -12.83 17.28 -13.10
N LEU B 55 -13.49 17.64 -14.19
CA LEU B 55 -13.43 19.02 -14.68
C LEU B 55 -14.05 19.97 -13.67
N ALA B 56 -15.20 19.59 -13.08
CA ALA B 56 -15.83 20.45 -12.08
C ALA B 56 -14.93 20.63 -10.86
N CYS B 57 -14.31 19.55 -10.42
CA CYS B 57 -13.47 19.65 -9.22
C CYS B 57 -12.21 20.48 -9.50
N ALA B 58 -11.56 20.22 -10.64
CA ALA B 58 -10.31 20.95 -10.92
C ALA B 58 -10.62 22.43 -11.11
N THR B 59 -11.76 22.72 -11.74
CA THR B 59 -12.13 24.12 -12.02
C THR B 59 -12.30 24.85 -10.69
N LYS B 60 -13.03 24.25 -9.76
CA LYS B 60 -13.28 24.90 -8.45
C LYS B 60 -11.95 25.05 -7.70
N ALA B 61 -11.11 24.02 -7.73
CA ALA B 61 -9.82 24.06 -7.01
C ALA B 61 -9.01 25.25 -7.52
N ILE B 62 -8.97 25.39 -8.84
CA ILE B 62 -8.24 26.53 -9.40
C ILE B 62 -8.83 27.83 -8.89
N GLY B 63 -10.16 27.94 -8.87
CA GLY B 63 -10.81 29.12 -8.30
C GLY B 63 -10.43 29.38 -6.86
N TYR B 64 -10.47 28.34 -6.02
CA TYR B 64 -10.19 28.48 -4.59
C TYR B 64 -8.73 28.80 -4.29
N THR B 65 -7.81 28.48 -5.19
CA THR B 65 -6.39 28.68 -4.96
C THR B 65 -5.86 29.88 -5.75
N LYS B 66 -6.74 30.85 -6.04
CA LYS B 66 -6.35 31.97 -6.89
C LYS B 66 -5.32 32.88 -6.24
N GLU B 67 -5.14 32.81 -4.93
CA GLU B 67 -4.14 33.66 -4.29
C GLU B 67 -2.81 32.95 -4.07
N THR B 68 -2.63 31.71 -4.61
CA THR B 68 -1.40 30.93 -4.52
C THR B 68 -0.57 31.08 -5.79
N PRO B 69 0.72 30.74 -5.75
CA PRO B 69 1.54 30.82 -6.98
C PRO B 69 1.25 29.75 -8.02
N LYS B 70 0.55 28.69 -7.67
CA LYS B 70 0.20 27.63 -8.63
C LYS B 70 1.44 26.97 -9.25
N ASN B 71 2.44 26.69 -8.43
CA ASN B 71 3.63 26.00 -8.95
C ASN B 71 3.46 24.49 -8.99
N ARG B 72 2.86 23.92 -7.94
CA ARG B 72 2.84 22.46 -7.74
C ARG B 72 1.49 22.04 -7.16
N ALA B 73 0.84 21.07 -7.82
CA ALA B 73 -0.38 20.45 -7.29
C ALA B 73 -0.24 18.93 -7.29
N LEU B 74 -0.95 18.29 -6.36
CA LEU B 74 -1.00 16.84 -6.24
C LEU B 74 -2.47 16.42 -6.34
N ASP B 75 -2.78 15.57 -7.32
CA ASP B 75 -4.11 14.94 -7.45
C ASP B 75 -3.95 13.54 -6.85
N LEU B 76 -4.45 13.35 -5.63
CA LEU B 76 -4.23 12.14 -4.85
C LEU B 76 -5.44 11.22 -4.99
N GLY B 77 -5.20 9.98 -5.45
CA GLY B 77 -6.28 9.12 -5.90
C GLY B 77 -6.77 9.56 -7.27
N CYS B 78 -5.82 9.81 -8.20
CA CYS B 78 -6.13 10.44 -9.48
C CYS B 78 -6.85 9.51 -10.46
N ALA B 79 -6.96 8.21 -10.18
CA ALA B 79 -7.61 7.21 -11.06
C ALA B 79 -7.01 7.37 -12.46
N THR B 80 -7.82 7.56 -13.50
CA THR B 80 -7.30 7.59 -14.87
C THR B 80 -6.89 9.00 -15.30
N GLY B 81 -6.81 9.94 -14.35
CA GLY B 81 -5.97 11.13 -14.49
C GLY B 81 -6.64 12.39 -15.01
N ARG B 82 -7.95 12.38 -15.27
CA ARG B 82 -8.57 13.56 -15.87
C ARG B 82 -8.37 14.82 -15.03
N ALA B 83 -8.50 14.72 -13.69
CA ALA B 83 -8.36 15.94 -12.90
C ALA B 83 -6.92 16.46 -12.90
N SER B 84 -5.93 15.56 -13.00
CA SER B 84 -4.54 16.01 -13.10
C SER B 84 -4.32 16.79 -14.39
N PHE B 85 -4.81 16.25 -15.51
CA PHE B 85 -4.73 16.98 -16.78
C PHE B 85 -5.41 18.33 -16.67
N GLU B 86 -6.57 18.37 -16.02
CA GLU B 86 -7.29 19.64 -15.91
C GLU B 86 -6.56 20.64 -15.01
N LEU B 87 -6.03 20.17 -13.87
CA LEU B 87 -5.24 21.07 -13.02
C LEU B 87 -4.03 21.62 -13.77
N ALA B 88 -3.45 20.82 -14.67
CA ALA B 88 -2.24 21.23 -15.35
C ALA B 88 -2.46 22.40 -16.29
N ARG B 89 -3.70 22.72 -16.61
CA ARG B 89 -3.96 23.90 -17.42
C ARG B 89 -3.62 25.17 -16.65
N SER B 90 -3.62 25.11 -15.33
CA SER B 90 -3.30 26.27 -14.50
C SER B 90 -2.03 26.11 -13.68
N TYR B 91 -1.67 24.91 -13.26
CA TYR B 91 -0.48 24.72 -12.44
C TYR B 91 0.73 24.47 -13.33
N LYS B 92 1.91 24.90 -12.86
CA LYS B 92 3.14 24.62 -13.60
C LYS B 92 3.49 23.14 -13.61
N HIS B 93 3.16 22.43 -12.53
CA HIS B 93 3.50 21.02 -12.41
C HIS B 93 2.42 20.33 -11.60
N VAL B 94 1.99 19.15 -12.05
CA VAL B 94 0.97 18.38 -11.35
C VAL B 94 1.45 16.95 -11.25
N ASP B 95 1.43 16.39 -10.03
CA ASP B 95 1.67 14.98 -9.82
C ASP B 95 0.30 14.32 -9.62
N GLY B 96 0.06 13.22 -10.32
CA GLY B 96 -1.11 12.40 -10.09
C GLY B 96 -0.66 11.07 -9.51
N VAL B 97 -1.21 10.71 -8.36
CA VAL B 97 -0.80 9.50 -7.65
C VAL B 97 -2.01 8.63 -7.42
N ASP B 98 -1.87 7.33 -7.67
CA ASP B 98 -2.96 6.40 -7.37
C ASP B 98 -2.41 5.06 -6.90
N TYR B 99 -3.17 4.44 -5.98
CA TYR B 99 -2.81 3.11 -5.49
C TYR B 99 -2.75 2.11 -6.63
N SER B 100 -3.63 2.26 -7.62
CA SER B 100 -3.78 1.27 -8.68
C SER B 100 -2.76 1.51 -9.79
N GLN B 101 -1.88 0.53 -10.00
CA GLN B 101 -0.96 0.63 -11.13
C GLN B 101 -1.71 0.66 -12.46
N ALA B 102 -2.81 -0.08 -12.56
CA ALA B 102 -3.56 -0.13 -13.82
C ALA B 102 -4.16 1.23 -14.17
N PHE B 103 -4.65 1.97 -13.18
CA PHE B 103 -5.13 3.33 -13.43
C PHE B 103 -4.00 4.23 -13.93
N VAL B 104 -2.87 4.19 -13.24
CA VAL B 104 -1.70 4.99 -13.60
C VAL B 104 -1.21 4.64 -14.99
N ASP B 105 -1.18 3.34 -15.34
CA ASP B 105 -0.79 2.94 -16.69
C ASP B 105 -1.72 3.53 -17.74
N ALA B 106 -3.02 3.56 -17.46
CA ALA B 106 -3.97 4.11 -18.42
C ALA B 106 -3.77 5.61 -18.61
N ALA B 107 -3.63 6.35 -17.49
CA ALA B 107 -3.35 7.77 -17.58
C ALA B 107 -2.08 8.02 -18.39
N THR B 108 -1.03 7.24 -18.09
CA THR B 108 0.26 7.43 -18.74
C THR B 108 0.19 7.11 -20.23
N GLU B 109 -0.54 6.05 -20.59
CA GLU B 109 -0.69 5.72 -22.00
C GLU B 109 -1.46 6.80 -22.75
N LEU B 110 -2.53 7.33 -22.15
CA LEU B 110 -3.21 8.45 -22.79
C LEU B 110 -2.27 9.64 -22.93
N GLN B 111 -1.43 9.84 -21.92
CA GLN B 111 -0.53 10.99 -21.93
C GLN B 111 0.53 10.85 -23.02
N LYS B 112 1.11 9.65 -23.13
CA LYS B 112 2.27 9.44 -24.01
C LYS B 112 1.85 9.11 -25.43
N ASN B 113 0.91 8.19 -25.61
CA ASN B 113 0.50 7.77 -26.95
C ASN B 113 -0.71 8.52 -27.48
N GLY B 114 -1.42 9.27 -26.65
CA GLY B 114 -2.48 10.12 -27.14
C GLY B 114 -3.85 9.48 -27.27
N CYS B 115 -3.97 8.19 -27.01
CA CYS B 115 -5.28 7.55 -27.06
C CYS B 115 -5.26 6.27 -26.25
N ILE B 116 -6.46 5.88 -25.77
CA ILE B 116 -6.65 4.59 -25.10
C ILE B 116 -8.06 4.13 -25.45
N GLY B 117 -8.27 2.82 -25.42
CA GLY B 117 -9.57 2.24 -25.67
C GLY B 117 -10.15 1.66 -24.40
N TYR B 118 -11.47 1.70 -24.29
CA TYR B 118 -12.14 1.13 -23.12
C TYR B 118 -13.51 0.60 -23.51
N SER B 119 -14.09 -0.22 -22.62
CA SER B 119 -15.40 -0.83 -22.84
C SER B 119 -16.43 -0.14 -21.97
N GLN B 120 -17.32 0.61 -22.60
CA GLN B 120 -18.45 1.21 -21.90
C GLN B 120 -19.49 0.16 -21.59
N ASN B 121 -20.05 0.21 -20.37
CA ASN B 121 -21.09 -0.72 -19.98
C ASN B 121 -22.33 -0.53 -20.83
N GLY B 122 -22.94 -1.65 -21.21
CA GLY B 122 -24.16 -1.61 -21.99
C GLY B 122 -25.23 -2.42 -21.28
N GLU B 123 -26.10 -3.04 -22.05
CA GLU B 123 -27.15 -3.92 -21.50
C GLU B 123 -26.60 -5.30 -21.14
N GLY B 124 -26.75 -5.71 -19.88
CA GLY B 124 -26.29 -7.03 -19.47
C GLY B 124 -24.79 -7.17 -19.62
N GLU B 125 -24.32 -8.18 -20.35
CA GLU B 125 -22.90 -8.31 -20.62
C GLU B 125 -22.47 -7.51 -21.84
N LEU B 126 -23.39 -6.83 -22.52
CA LEU B 126 -23.02 -6.16 -23.76
C LEU B 126 -22.22 -4.90 -23.43
N LYS B 127 -21.35 -4.51 -24.37
CA LYS B 127 -20.44 -3.38 -24.17
C LYS B 127 -20.41 -2.52 -25.42
N ASN B 128 -19.95 -1.28 -25.28
CA ASN B 128 -19.65 -0.42 -26.42
C ASN B 128 -18.19 0.00 -26.33
N TYR B 129 -17.41 -0.34 -27.34
CA TYR B 129 -15.99 -0.01 -27.32
C TYR B 129 -15.83 1.46 -27.68
N LYS B 130 -15.03 2.19 -26.90
CA LYS B 130 -14.84 3.61 -27.07
C LYS B 130 -13.35 3.94 -27.09
N VAL B 131 -12.99 4.97 -27.83
CA VAL B 131 -11.61 5.43 -27.89
C VAL B 131 -11.56 6.85 -27.35
N ILE B 132 -10.66 7.08 -26.39
CA ILE B 132 -10.40 8.41 -25.86
C ILE B 132 -9.22 8.99 -26.62
N ASP B 133 -9.43 10.13 -27.26
CA ASP B 133 -8.37 10.83 -28.00
C ASP B 133 -7.98 12.08 -27.24
N ARG B 134 -6.75 12.09 -26.72
CA ARG B 134 -6.15 13.22 -26.01
C ARG B 134 -6.43 14.52 -26.72
N GLU B 135 -6.28 14.54 -28.05
CA GLU B 135 -6.44 15.77 -28.80
C GLU B 135 -7.90 16.22 -28.93
N GLY B 136 -8.87 15.46 -28.41
CA GLY B 136 -10.23 15.93 -28.38
C GLY B 136 -10.64 16.75 -27.17
N TYR B 137 -9.72 17.05 -26.27
CA TYR B 137 -10.03 17.78 -25.04
C TYR B 137 -9.17 19.03 -24.94
N ALA B 138 -9.72 20.06 -24.29
CA ALA B 138 -8.98 21.30 -24.10
C ALA B 138 -7.68 21.08 -23.33
N PHE B 139 -7.64 20.09 -22.43
CA PHE B 139 -6.39 19.86 -21.68
C PHE B 139 -5.23 19.39 -22.56
N ARG B 140 -5.45 19.17 -23.86
CA ARG B 140 -4.34 18.81 -24.73
C ARG B 140 -3.24 19.88 -24.73
N ASP B 141 -3.51 21.10 -24.30
CA ASP B 141 -2.48 22.13 -24.31
C ASP B 141 -1.55 22.07 -23.11
N SER B 142 -1.78 21.16 -22.15
CA SER B 142 -0.98 21.17 -20.92
C SER B 142 -0.50 19.81 -20.46
N PHE B 143 -0.69 18.75 -21.24
CA PHE B 143 -0.54 17.41 -20.69
C PHE B 143 0.90 17.04 -20.38
N THR B 144 1.89 17.78 -20.89
CA THR B 144 3.27 17.47 -20.55
C THR B 144 3.66 17.97 -19.17
N LYS B 145 2.80 18.72 -18.50
CA LYS B 145 3.11 19.23 -17.17
C LYS B 145 2.71 18.28 -16.05
N VAL B 146 2.23 17.08 -16.39
CA VAL B 146 1.76 16.08 -15.44
C VAL B 146 2.74 14.92 -15.37
N GLU B 147 2.96 14.40 -14.18
CA GLU B 147 3.64 13.14 -13.96
C GLU B 147 2.74 12.23 -13.12
N PHE B 148 2.54 11.00 -13.58
CA PHE B 148 1.70 10.02 -12.91
C PHE B 148 2.55 8.97 -12.20
N PHE B 149 2.14 8.60 -10.99
CA PHE B 149 2.89 7.66 -10.18
C PHE B 149 1.94 6.72 -9.46
N GLN B 150 2.36 5.47 -9.29
CA GLN B 150 1.69 4.60 -8.33
C GLN B 150 2.19 4.98 -6.94
N GLY B 151 1.28 5.01 -5.97
CA GLY B 151 1.68 5.34 -4.61
C GLY B 151 0.46 5.30 -3.71
N ASP B 152 0.71 5.42 -2.41
CA ASP B 152 -0.34 5.23 -1.40
C ASP B 152 -0.47 6.50 -0.60
N ALA B 153 -1.69 7.05 -0.55
CA ALA B 153 -1.99 8.27 0.17
C ALA B 153 -1.62 8.18 1.65
N CYS B 154 -1.59 6.97 2.20
CA CYS B 154 -1.29 6.79 3.61
C CYS B 154 0.20 6.61 3.89
N ASN B 155 1.04 6.56 2.85
CA ASN B 155 2.48 6.36 3.03
C ASN B 155 3.21 6.95 1.82
N LEU B 156 3.06 8.25 1.60
CA LEU B 156 3.64 8.86 0.41
C LEU B 156 5.16 9.01 0.57
N THR B 157 5.91 8.78 -0.51
CA THR B 157 7.36 8.95 -0.40
C THR B 157 7.68 10.44 -0.16
N PRO B 158 8.85 10.73 0.42
CA PRO B 158 9.12 12.11 0.90
C PRO B 158 9.18 13.15 -0.20
N GLN B 159 9.46 12.77 -1.44
CA GLN B 159 9.59 13.77 -2.51
C GLN B 159 8.26 14.42 -2.86
N PHE B 160 7.15 13.85 -2.41
CA PHE B 160 5.83 14.38 -2.74
C PHE B 160 5.49 15.43 -1.70
N LYS B 161 6.01 16.64 -1.91
CA LYS B 161 5.94 17.68 -0.91
C LYS B 161 5.94 19.05 -1.60
N GLU B 162 5.87 20.09 -0.77
CA GLU B 162 5.93 21.47 -1.24
C GLU B 162 4.85 21.77 -2.27
N TYR B 163 3.63 21.31 -2.00
CA TYR B 163 2.49 21.58 -2.88
C TYR B 163 1.77 22.85 -2.49
N ASP B 164 1.35 23.59 -3.50
CA ASP B 164 0.41 24.69 -3.29
C ASP B 164 -0.98 24.15 -3.06
N LEU B 165 -1.28 22.98 -3.63
CA LEU B 165 -2.61 22.37 -3.57
C LEU B 165 -2.44 20.86 -3.50
N ILE B 166 -3.16 20.22 -2.58
CA ILE B 166 -3.35 18.77 -2.66
C ILE B 166 -4.84 18.55 -2.78
N MET B 167 -5.28 17.89 -3.85
CA MET B 167 -6.69 17.64 -4.06
C MET B 167 -6.92 16.14 -3.98
N ALA B 168 -7.84 15.72 -3.14
CA ALA B 168 -8.12 14.28 -2.98
C ALA B 168 -9.64 14.11 -3.11
N THR B 169 -10.11 13.76 -4.30
CA THR B 169 -11.55 13.72 -4.53
C THR B 169 -12.06 12.29 -4.38
N ASN B 170 -13.09 12.13 -3.54
CA ASN B 170 -13.77 10.85 -3.31
C ASN B 170 -12.78 9.75 -2.90
N LEU B 171 -11.85 10.12 -2.04
CA LEU B 171 -10.81 9.23 -1.55
C LEU B 171 -11.02 8.80 -0.10
N ILE B 172 -11.42 9.71 0.80
CA ILE B 172 -11.37 9.38 2.22
C ILE B 172 -12.28 8.21 2.55
N ASP B 173 -13.44 8.07 1.89
CA ASP B 173 -14.30 6.95 2.24
C ASP B 173 -13.96 5.68 1.45
N ARG B 174 -12.81 5.67 0.79
CA ARG B 174 -12.20 4.45 0.26
C ARG B 174 -11.01 3.97 1.08
N LEU B 175 -10.59 4.73 2.09
CA LEU B 175 -9.40 4.38 2.89
C LEU B 175 -9.79 3.58 4.12
N TYR B 176 -8.96 2.60 4.48
CA TYR B 176 -9.24 1.81 5.67
C TYR B 176 -9.11 2.65 6.94
N GLU B 177 -8.11 3.52 6.97
CA GLU B 177 -7.83 4.37 8.13
C GLU B 177 -7.56 5.78 7.64
N PRO B 178 -8.61 6.53 7.26
CA PRO B 178 -8.39 7.82 6.58
C PRO B 178 -7.62 8.82 7.42
N ARG B 179 -7.70 8.72 8.74
CA ARG B 179 -6.96 9.66 9.58
C ARG B 179 -5.45 9.53 9.36
N LEU B 180 -4.99 8.35 8.93
CA LEU B 180 -3.58 8.18 8.65
C LEU B 180 -3.12 9.12 7.53
N PHE B 181 -3.97 9.30 6.50
CA PHE B 181 -3.65 10.27 5.44
C PHE B 181 -3.84 11.69 5.96
N LEU B 182 -4.99 11.93 6.59
CA LEU B 182 -5.40 13.31 6.93
C LEU B 182 -4.51 13.94 7.98
N GLU B 183 -4.08 13.19 8.98
CA GLU B 183 -3.41 13.85 10.11
C GLU B 183 -1.98 14.27 9.78
N ASN B 184 -1.42 13.75 8.69
CA ASN B 184 -0.05 14.05 8.29
C ASN B 184 0.06 14.91 7.04
N ILE B 185 -1.04 15.07 6.28
CA ILE B 185 -0.94 15.68 4.95
C ILE B 185 -0.48 17.13 4.99
N HIS B 186 -0.66 17.82 6.12
CA HIS B 186 -0.23 19.22 6.20
C HIS B 186 1.28 19.35 6.01
N LYS B 187 2.03 18.28 6.25
CA LYS B 187 3.48 18.31 6.09
C LYS B 187 3.90 18.45 4.63
N ARG B 188 3.02 18.14 3.68
CA ARG B 188 3.35 18.15 2.27
C ARG B 188 2.85 19.40 1.54
N ILE B 189 2.25 20.36 2.27
CA ILE B 189 1.65 21.55 1.71
C ILE B 189 2.36 22.78 2.25
N ASN B 190 2.62 23.74 1.37
CA ASN B 190 3.24 24.99 1.76
C ASN B 190 2.29 25.78 2.66
N GLU B 191 2.85 26.64 3.51
CA GLU B 191 2.01 27.52 4.31
C GLU B 191 1.19 28.41 3.38
N LYS B 192 -0.07 28.64 3.76
CA LYS B 192 -1.11 29.27 2.96
C LYS B 192 -1.51 28.46 1.74
N GLY B 193 -0.98 27.25 1.53
CA GLY B 193 -1.49 26.34 0.52
C GLY B 193 -2.80 25.67 0.95
N TYR B 194 -3.32 24.78 0.08
CA TYR B 194 -4.67 24.26 0.26
C TYR B 194 -4.71 22.75 0.20
N LEU B 195 -5.56 22.17 1.04
CA LEU B 195 -6.01 20.79 0.92
C LEU B 195 -7.47 20.85 0.50
N ILE B 196 -7.83 20.17 -0.60
CA ILE B 196 -9.22 20.17 -1.04
C ILE B 196 -9.69 18.73 -1.11
N LEU B 197 -10.75 18.42 -0.36
CA LEU B 197 -11.33 17.10 -0.28
C LEU B 197 -12.71 17.10 -0.91
N THR B 198 -13.09 15.98 -1.52
CA THR B 198 -14.51 15.74 -1.78
C THR B 198 -14.89 14.34 -1.30
N SER B 199 -16.16 14.20 -0.90
CA SER B 199 -16.63 12.88 -0.53
C SER B 199 -18.14 12.90 -0.41
N PRO B 200 -18.81 11.83 -0.82
CA PRO B 200 -20.25 11.68 -0.51
C PRO B 200 -20.51 11.06 0.85
N TYR B 201 -19.45 10.75 1.62
CA TYR B 201 -19.60 10.28 3.00
C TYR B 201 -20.33 8.95 3.09
N THR B 202 -20.13 8.10 2.10
CA THR B 202 -20.78 6.79 2.07
C THR B 202 -19.91 5.74 2.78
N TRP B 203 -19.68 5.97 4.07
CA TRP B 203 -18.84 5.06 4.86
C TRP B 203 -19.43 3.66 4.89
N ARG B 204 -18.57 2.67 4.69
CA ARG B 204 -19.00 1.28 4.66
C ARG B 204 -17.91 0.44 5.31
N GLU B 205 -18.32 -0.55 6.11
CA GLU B 205 -17.33 -1.44 6.72
C GLU B 205 -16.52 -2.23 5.70
N GLU B 206 -17.01 -2.40 4.47
CA GLU B 206 -16.18 -3.08 3.47
C GLU B 206 -14.89 -2.33 3.17
N TYR B 207 -14.88 -1.00 3.33
CA TYR B 207 -13.71 -0.20 3.01
C TYR B 207 -13.00 0.34 4.24
N THR B 208 -13.75 0.72 5.26
CA THR B 208 -13.22 1.46 6.40
C THR B 208 -13.72 0.83 7.69
N ALA B 209 -12.81 0.49 8.59
CA ALA B 209 -13.25 -0.02 9.89
C ALA B 209 -14.14 1.02 10.56
N LYS B 210 -15.23 0.54 11.17
CA LYS B 210 -16.17 1.47 11.79
C LYS B 210 -15.47 2.44 12.75
N LYS B 211 -14.52 1.95 13.54
CA LYS B 211 -13.84 2.85 14.47
C LYS B 211 -13.03 3.93 13.78
N PHE B 212 -12.77 3.78 12.47
CA PHE B 212 -12.04 4.78 11.71
C PHE B 212 -12.93 5.65 10.82
N TRP B 213 -14.25 5.43 10.80
CA TRP B 213 -15.12 6.36 10.08
C TRP B 213 -14.95 7.78 10.61
N ILE B 214 -14.81 8.75 9.72
CA ILE B 214 -14.67 10.13 10.16
C ILE B 214 -16.00 10.72 10.62
N GLY B 215 -17.10 10.25 10.07
CA GLY B 215 -18.41 10.59 10.57
C GLY B 215 -19.42 9.58 10.04
N GLY B 216 -20.70 9.96 10.08
CA GLY B 216 -21.74 9.02 9.74
C GLY B 216 -21.96 7.91 10.75
N TYR B 217 -21.72 8.18 12.03
CA TYR B 217 -21.91 7.17 13.06
C TYR B 217 -22.49 7.86 14.29
N VAL B 218 -23.11 7.06 15.16
CA VAL B 218 -23.62 7.56 16.43
C VAL B 218 -22.56 7.25 17.47
N ASP B 219 -22.11 8.26 18.22
CA ASP B 219 -21.01 8.00 19.14
C ASP B 219 -21.55 7.27 20.38
N GLU B 220 -20.65 6.99 21.33
CA GLU B 220 -21.02 6.19 22.50
C GLU B 220 -22.05 6.90 23.36
N ASN B 221 -22.19 8.21 23.21
CA ASN B 221 -23.11 9.00 24.02
C ASN B 221 -24.47 9.19 23.37
N GLY B 222 -24.70 8.66 22.17
CA GLY B 222 -25.97 8.78 21.50
C GLY B 222 -26.09 9.93 20.53
N LYS B 223 -25.01 10.65 20.26
CA LYS B 223 -25.04 11.83 19.40
C LYS B 223 -24.51 11.48 18.00
N GLU B 224 -25.21 11.97 17.00
CA GLU B 224 -24.81 11.78 15.60
C GLU B 224 -23.57 12.60 15.31
N VAL B 225 -22.59 12.00 14.64
CA VAL B 225 -21.36 12.68 14.25
C VAL B 225 -21.39 12.85 12.74
N SER B 226 -21.32 14.08 12.28
CA SER B 226 -21.25 14.36 10.86
C SER B 226 -19.81 14.28 10.38
N THR B 227 -19.62 13.84 9.13
CA THR B 227 -18.25 13.72 8.64
C THR B 227 -17.55 15.06 8.57
N LEU B 228 -18.27 16.13 8.24
CA LEU B 228 -17.61 17.43 8.21
C LEU B 228 -17.11 17.82 9.60
N GLU B 229 -17.90 17.53 10.63
CA GLU B 229 -17.45 17.78 12.00
C GLU B 229 -16.22 16.94 12.32
N GLY B 230 -16.22 15.67 11.91
CA GLY B 230 -15.03 14.84 12.14
C GLY B 230 -13.81 15.37 11.41
N LEU B 231 -14.00 15.90 10.20
CA LEU B 231 -12.89 16.51 9.46
C LEU B 231 -12.35 17.74 10.17
N LYS B 232 -13.25 18.59 10.66
CA LYS B 232 -12.81 19.76 11.41
C LYS B 232 -11.96 19.34 12.61
N GLU B 233 -12.41 18.32 13.34
CA GLU B 233 -11.65 17.89 14.52
C GLU B 233 -10.26 17.44 14.14
N ILE B 234 -10.11 16.78 12.99
CA ILE B 234 -8.78 16.32 12.62
C ILE B 234 -7.94 17.47 12.07
N LEU B 235 -8.54 18.29 11.21
CA LEU B 235 -7.77 19.20 10.38
C LEU B 235 -7.60 20.58 11.00
N GLU B 236 -8.45 20.96 11.95
CA GLU B 236 -8.34 22.35 12.41
C GLU B 236 -7.11 22.61 13.26
N ILE B 237 -6.36 21.57 13.64
CA ILE B 237 -5.03 21.75 14.25
C ILE B 237 -4.13 22.56 13.32
N HIS B 238 -4.13 22.23 12.03
CA HIS B 238 -3.22 22.88 11.08
C HIS B 238 -3.91 23.60 9.93
N PHE B 239 -5.23 23.56 9.83
CA PHE B 239 -5.95 24.16 8.72
C PHE B 239 -7.10 25.03 9.23
N GLU B 240 -7.52 25.95 8.38
CA GLU B 240 -8.79 26.65 8.54
C GLU B 240 -9.73 26.19 7.43
N LEU B 241 -10.97 25.88 7.80
CA LEU B 241 -12.00 25.54 6.82
C LEU B 241 -12.48 26.82 6.14
N VAL B 242 -12.28 26.88 4.82
CA VAL B 242 -12.55 28.08 4.03
C VAL B 242 -13.91 28.02 3.34
N ALA B 243 -14.33 26.86 2.86
CA ALA B 243 -15.54 26.82 2.04
C ALA B 243 -16.01 25.37 1.91
N THR B 244 -17.32 25.21 1.68
CA THR B 244 -17.88 23.91 1.35
C THR B 244 -18.84 24.11 0.18
N GLU B 245 -19.02 23.06 -0.60
CA GLU B 245 -19.84 23.13 -1.79
C GLU B 245 -20.28 21.72 -2.14
N ASP B 246 -21.48 21.57 -2.67
CA ASP B 246 -21.97 20.27 -3.14
C ASP B 246 -21.72 20.12 -4.64
N ILE B 247 -21.19 18.97 -5.07
CA ILE B 247 -20.85 18.74 -6.46
C ILE B 247 -21.43 17.39 -6.89
N PRO B 248 -22.36 17.35 -7.83
CA PRO B 248 -22.92 16.06 -8.27
C PRO B 248 -22.00 15.35 -9.25
N PHE B 249 -22.17 14.03 -9.33
CA PHE B 249 -21.53 13.26 -10.38
C PHE B 249 -22.41 12.08 -10.74
N VAL B 250 -22.19 11.53 -11.95
CA VAL B 250 -22.99 10.45 -12.48
C VAL B 250 -22.05 9.39 -13.02
N ILE B 251 -22.25 8.15 -12.58
CA ILE B 251 -21.46 6.99 -13.06
C ILE B 251 -22.38 6.02 -13.79
N ARG B 252 -21.97 5.61 -14.98
CA ARG B 252 -22.77 4.66 -15.76
C ARG B 252 -22.49 3.22 -15.31
N GLU B 253 -23.54 2.50 -14.97
CA GLU B 253 -23.44 1.10 -14.59
C GLU B 253 -23.89 0.16 -15.70
N THR B 254 -24.95 0.51 -16.42
CA THR B 254 -25.44 -0.23 -17.59
C THR B 254 -25.83 0.78 -18.67
N SER B 255 -26.46 0.29 -19.73
CA SER B 255 -27.02 1.18 -20.74
C SER B 255 -28.08 2.10 -20.13
N ARG B 256 -28.74 1.68 -19.05
CA ARG B 256 -29.89 2.41 -18.51
C ARG B 256 -29.76 2.80 -17.04
N LYS B 257 -28.87 2.12 -16.32
CA LYS B 257 -28.73 2.34 -14.85
C LYS B 257 -27.49 3.18 -14.52
N PHE B 258 -27.69 4.17 -13.68
CA PHE B 258 -26.59 5.07 -13.32
C PHE B 258 -26.58 5.35 -11.82
N GLN B 259 -25.41 5.70 -11.31
CA GLN B 259 -25.34 6.16 -9.90
C GLN B 259 -25.27 7.69 -10.00
N HIS B 260 -26.12 8.39 -9.26
CA HIS B 260 -26.15 9.86 -9.28
C HIS B 260 -25.89 10.26 -7.83
N THR B 261 -24.74 10.87 -7.59
CA THR B 261 -24.33 11.12 -6.20
C THR B 261 -23.91 12.58 -6.01
N ILE B 262 -24.06 13.07 -4.79
CA ILE B 262 -23.67 14.47 -4.47
C ILE B 262 -22.52 14.46 -3.47
N SER B 263 -21.30 14.75 -3.95
CA SER B 263 -20.18 14.84 -3.03
C SER B 263 -20.18 16.20 -2.37
N GLN B 264 -19.62 16.28 -1.18
CA GLN B 264 -19.33 17.57 -0.56
C GLN B 264 -17.86 17.88 -0.73
N MET B 265 -17.56 19.01 -1.35
CA MET B 265 -16.21 19.57 -1.37
C MET B 265 -15.96 20.40 -0.12
N SER B 266 -14.82 20.17 0.53
CA SER B 266 -14.39 21.04 1.62
C SER B 266 -12.97 21.53 1.31
N VAL B 267 -12.76 22.81 1.58
CA VAL B 267 -11.56 23.55 1.19
C VAL B 267 -10.85 24.01 2.45
N TRP B 268 -9.57 23.64 2.60
CA TRP B 268 -8.82 23.82 3.85
C TRP B 268 -7.52 24.55 3.54
N LYS B 269 -7.27 25.65 4.25
CA LYS B 269 -6.06 26.46 4.06
C LYS B 269 -5.11 26.23 5.21
N VAL B 270 -3.85 25.92 4.90
CA VAL B 270 -2.84 25.66 5.92
C VAL B 270 -2.58 26.93 6.70
N ILE B 271 -2.62 26.82 8.02
CA ILE B 271 -2.33 27.93 8.93
C ILE B 271 -0.83 28.19 8.98
#